data_6DNU
#
_entry.id   6DNU
#
_cell.length_a   35.796
_cell.length_b   35.796
_cell.length_c   188.738
_cell.angle_alpha   90.000
_cell.angle_beta   90.000
_cell.angle_gamma   90.000
#
_symmetry.space_group_name_H-M   'P 41'
#
loop_
_entity.id
_entity.type
_entity.pdbx_description
1 polymer 'Thiol:disulfide interchange protein DsbD'
2 non-polymer 'HEXAETHYLENE GLYCOL'
3 water water
#
_entity_poly.entity_id   1
_entity_poly.type   'polypeptide(L)'
_entity_poly.pdbx_seq_one_letter_code
;SNAMFADTAALKAAMDTALKEHPDKPVVLDFYADWCISCKEMAAYTLNQPEVHQAVDMERFFQIDVTANTPEHQALLKEY
GLFGPPGVFVVRSDGSRSEPLLGFVKADKFIEWYEQNR
;
_entity_poly.pdbx_strand_id   A,B
#
loop_
_chem_comp.id
_chem_comp.type
_chem_comp.name
_chem_comp.formula
P6G non-polymer 'HEXAETHYLENE GLYCOL' 'C12 H26 O7'
#
# COMPACT_ATOMS: atom_id res chain seq x y z
N ALA A 3 0.74 7.87 8.60
CA ALA A 3 1.98 8.55 8.96
C ALA A 3 2.68 9.07 7.71
N MET A 4 3.63 9.99 7.90
CA MET A 4 4.29 10.61 6.77
C MET A 4 5.34 9.67 6.16
N PHE A 5 5.35 9.59 4.84
CA PHE A 5 6.35 8.81 4.12
C PHE A 5 7.59 9.64 3.84
N ALA A 6 8.74 8.96 3.82
CA ALA A 6 9.93 9.50 3.15
C ALA A 6 10.41 8.64 1.98
N ASP A 7 9.92 7.42 1.86
CA ASP A 7 10.31 6.47 0.83
C ASP A 7 9.26 6.51 -0.26
N THR A 8 9.64 6.99 -1.46
CA THR A 8 8.63 7.13 -2.51
C THR A 8 8.14 5.77 -3.00
N ALA A 9 9.00 4.74 -3.00
CA ALA A 9 8.55 3.41 -3.37
C ALA A 9 7.45 2.93 -2.42
N ALA A 10 7.64 3.11 -1.11
CA ALA A 10 6.60 2.74 -0.16
C ALA A 10 5.34 3.54 -0.41
N LEU A 11 5.50 4.81 -0.80
CA LEU A 11 4.37 5.69 -1.00
C LEU A 11 3.50 5.22 -2.16
N LYS A 12 4.12 5.01 -3.34
CA LYS A 12 3.35 4.56 -4.50
C LYS A 12 2.66 3.23 -4.22
N ALA A 13 3.37 2.31 -3.55
CA ALA A 13 2.77 1.04 -3.20
C ALA A 13 1.50 1.24 -2.39
N ALA A 14 1.54 2.16 -1.41
CA ALA A 14 0.37 2.40 -0.60
C ALA A 14 -0.74 3.05 -1.41
N MET A 15 -0.37 4.01 -2.26
CA MET A 15 -1.38 4.67 -3.09
C MET A 15 -2.01 3.69 -4.07
N ASP A 16 -1.21 2.88 -4.76
CA ASP A 16 -1.77 1.91 -5.70
C ASP A 16 -2.77 1.00 -5.01
N THR A 17 -2.42 0.49 -3.82
CA THR A 17 -3.31 -0.41 -3.10
C THR A 17 -4.63 0.27 -2.78
N ALA A 18 -4.57 1.50 -2.27
CA ALA A 18 -5.77 2.23 -1.88
C ALA A 18 -6.70 2.41 -3.07
N LEU A 19 -6.14 2.65 -4.26
CA LEU A 19 -6.95 2.85 -5.45
C LEU A 19 -7.56 1.55 -5.95
N LYS A 20 -6.83 0.44 -5.82
CA LYS A 20 -7.42 -0.85 -6.13
C LYS A 20 -8.47 -1.26 -5.10
N GLU A 21 -8.28 -0.89 -3.84
CA GLU A 21 -9.24 -1.28 -2.80
C GLU A 21 -10.57 -0.54 -2.95
N HIS A 22 -10.53 0.71 -3.40
CA HIS A 22 -11.75 1.50 -3.62
C HIS A 22 -11.48 2.43 -4.79
N PRO A 23 -11.57 1.92 -6.03
CA PRO A 23 -11.39 2.79 -7.18
C PRO A 23 -12.46 3.85 -7.29
N ASP A 24 -13.65 3.60 -6.72
CA ASP A 24 -14.70 4.60 -6.74
C ASP A 24 -14.42 5.76 -5.78
N LYS A 25 -13.28 5.75 -5.10
CA LYS A 25 -12.85 6.86 -4.27
C LYS A 25 -11.46 7.31 -4.70
N PRO A 26 -11.19 8.60 -4.65
CA PRO A 26 -9.83 9.09 -4.94
C PRO A 26 -8.95 8.95 -3.71
N VAL A 27 -7.67 9.28 -3.90
CA VAL A 27 -6.75 9.50 -2.80
C VAL A 27 -6.21 10.93 -2.90
N VAL A 28 -5.59 11.37 -1.81
CA VAL A 28 -5.01 12.70 -1.74
C VAL A 28 -3.50 12.56 -1.49
N LEU A 29 -2.70 13.30 -2.25
CA LEU A 29 -1.25 13.34 -2.07
C LEU A 29 -0.79 14.75 -1.73
N ASP A 30 -0.01 14.84 -0.66
CA ASP A 30 0.41 16.08 -0.03
C ASP A 30 1.92 16.08 0.09
N PHE A 31 2.56 17.11 -0.42
CA PHE A 31 4.01 17.23 -0.39
C PHE A 31 4.42 18.07 0.82
N TYR A 32 5.19 17.48 1.73
CA TYR A 32 5.65 18.15 2.93
C TYR A 32 7.16 18.38 2.89
N ALA A 33 7.60 19.46 3.53
CA ALA A 33 9.00 19.69 3.86
C ALA A 33 9.05 20.50 5.14
N ASP A 34 10.15 20.34 5.88
CA ASP A 34 10.27 21.01 7.17
C ASP A 34 10.41 22.52 7.05
N TRP A 35 10.85 23.01 5.89
CA TRP A 35 10.92 24.44 5.64
C TRP A 35 9.62 25.02 5.14
N CYS A 36 8.59 24.21 4.91
CA CYS A 36 7.38 24.66 4.25
C CYS A 36 6.43 25.26 5.28
N ILE A 37 6.31 26.59 5.27
CA ILE A 37 5.47 27.27 6.27
C ILE A 37 4.01 26.90 6.08
N SER A 38 3.53 26.93 4.83
CA SER A 38 2.12 26.61 4.61
C SER A 38 1.82 25.16 4.95
N CYS A 39 2.79 24.27 4.75
CA CYS A 39 2.56 22.89 5.19
C CYS A 39 2.30 22.85 6.70
N LYS A 40 3.09 23.61 7.47
CA LYS A 40 2.90 23.57 8.91
C LYS A 40 1.60 24.25 9.33
N GLU A 41 1.19 25.30 8.60
CA GLU A 41 -0.12 25.88 8.86
C GLU A 41 -1.24 24.88 8.55
N MET A 42 -1.16 24.20 7.41
CA MET A 42 -2.18 23.21 7.11
C MET A 42 -2.27 22.19 8.21
N ALA A 43 -1.13 21.67 8.64
CA ALA A 43 -1.14 20.65 9.67
C ALA A 43 -1.76 21.17 10.96
N ALA A 44 -1.60 22.46 11.26
CA ALA A 44 -2.00 22.96 12.57
C ALA A 44 -3.43 23.49 12.60
N TYR A 45 -3.95 23.95 11.46
CA TYR A 45 -5.23 24.63 11.44
C TYR A 45 -6.26 24.00 10.53
N THR A 46 -5.90 23.02 9.70
CA THR A 46 -6.86 22.56 8.71
C THR A 46 -6.96 21.05 8.60
N LEU A 47 -5.83 20.38 8.39
CA LEU A 47 -5.81 18.93 8.24
C LEU A 47 -6.22 18.20 9.50
N ASN A 48 -6.12 18.82 10.67
CA ASN A 48 -6.46 18.17 11.93
C ASN A 48 -7.89 18.48 12.35
N GLN A 49 -8.66 19.18 11.50
CA GLN A 49 -9.97 19.67 11.90
C GLN A 49 -11.06 18.62 11.65
N PRO A 50 -12.01 18.47 12.58
CA PRO A 50 -13.05 17.44 12.40
C PRO A 50 -13.85 17.58 11.12
N GLU A 51 -14.11 18.80 10.64
CA GLU A 51 -14.92 18.92 9.44
C GLU A 51 -14.17 18.43 8.20
N VAL A 52 -12.83 18.42 8.25
CA VAL A 52 -12.08 17.87 7.15
C VAL A 52 -12.10 16.35 7.19
N HIS A 53 -11.92 15.77 8.38
CA HIS A 53 -11.95 14.31 8.51
C HIS A 53 -13.31 13.76 8.15
N GLN A 54 -14.36 14.58 8.27
CA GLN A 54 -15.70 14.13 7.91
C GLN A 54 -15.87 14.11 6.39
N ALA A 55 -15.28 15.11 5.72
CA ALA A 55 -15.44 15.26 4.28
C ALA A 55 -14.43 14.43 3.49
N VAL A 56 -13.23 14.27 4.02
CA VAL A 56 -12.15 13.56 3.34
C VAL A 56 -11.81 12.31 4.14
N ASP A 57 -11.65 11.20 3.46
CA ASP A 57 -11.21 9.98 4.11
C ASP A 57 -9.71 10.10 4.37
N MET A 58 -9.34 10.40 5.61
CA MET A 58 -7.94 10.68 5.90
C MET A 58 -7.09 9.41 5.92
N GLU A 59 -7.71 8.23 6.04
CA GLU A 59 -6.98 7.01 5.74
C GLU A 59 -6.55 6.96 4.28
N ARG A 60 -7.10 7.82 3.43
CA ARG A 60 -6.72 7.90 2.03
C ARG A 60 -5.92 9.17 1.73
N PHE A 61 -5.32 9.75 2.77
CA PHE A 61 -4.53 10.98 2.68
C PHE A 61 -3.08 10.59 2.87
N PHE A 62 -2.27 10.76 1.82
CA PHE A 62 -0.88 10.35 1.84
C PHE A 62 0.02 11.58 1.84
N GLN A 63 1.04 11.56 2.70
CA GLN A 63 2.01 12.64 2.84
C GLN A 63 3.40 12.13 2.54
N ILE A 64 4.13 12.86 1.72
CA ILE A 64 5.52 12.50 1.43
C ILE A 64 6.42 13.63 1.90
N ASP A 65 7.44 13.29 2.69
CA ASP A 65 8.41 14.25 3.21
C ASP A 65 9.60 14.30 2.26
N VAL A 66 9.80 15.45 1.61
CA VAL A 66 10.90 15.63 0.68
C VAL A 66 11.98 16.52 1.26
N THR A 67 11.95 16.73 2.59
CA THR A 67 12.97 17.54 3.25
C THR A 67 14.36 17.13 2.78
N ALA A 68 14.59 15.82 2.65
CA ALA A 68 15.94 15.34 2.35
C ALA A 68 16.34 15.65 0.92
N ASN A 69 15.36 15.80 0.02
CA ASN A 69 15.64 16.19 -1.36
C ASN A 69 16.51 15.17 -2.07
N THR A 70 16.30 13.89 -1.79
CA THR A 70 17.00 12.85 -2.54
C THR A 70 16.48 12.81 -3.98
N PRO A 71 17.18 12.13 -4.88
CA PRO A 71 16.74 12.12 -6.28
C PRO A 71 15.32 11.59 -6.45
N GLU A 72 14.94 10.55 -5.70
CA GLU A 72 13.57 10.07 -5.78
C GLU A 72 12.56 11.15 -5.38
N HIS A 73 12.88 11.96 -4.38
CA HIS A 73 12.00 13.09 -4.07
C HIS A 73 11.96 14.06 -5.24
N GLN A 74 13.12 14.43 -5.76
CA GLN A 74 13.16 15.32 -6.92
C GLN A 74 12.38 14.74 -8.08
N ALA A 75 12.45 13.43 -8.29
CA ALA A 75 11.75 12.83 -9.41
C ALA A 75 10.25 12.91 -9.21
N LEU A 76 9.79 12.66 -7.99
CA LEU A 76 8.36 12.70 -7.71
C LEU A 76 7.81 14.11 -7.85
N LEU A 77 8.54 15.10 -7.35
CA LEU A 77 8.12 16.49 -7.50
C LEU A 77 7.93 16.85 -8.96
N LYS A 78 8.89 16.49 -9.81
CA LYS A 78 8.80 16.82 -11.22
C LYS A 78 7.65 16.10 -11.88
N GLU A 79 7.38 14.86 -11.48
CA GLU A 79 6.27 14.15 -12.08
C GLU A 79 4.94 14.79 -11.71
N TYR A 80 4.89 15.47 -10.56
CA TYR A 80 3.71 16.25 -10.17
C TYR A 80 3.81 17.71 -10.55
N GLY A 81 4.81 18.09 -11.34
CA GLY A 81 4.94 19.45 -11.84
C GLY A 81 5.29 20.47 -10.77
N LEU A 82 5.99 20.04 -9.72
CA LEU A 82 6.38 20.93 -8.63
C LEU A 82 7.89 21.12 -8.59
N PHE A 83 8.32 22.27 -8.10
CA PHE A 83 9.72 22.46 -7.72
C PHE A 83 9.96 22.05 -6.27
N GLY A 84 9.00 22.34 -5.40
CA GLY A 84 9.01 21.92 -4.01
C GLY A 84 7.61 22.00 -3.45
N PRO A 85 7.45 21.75 -2.15
CA PRO A 85 6.16 22.02 -1.50
C PRO A 85 5.92 23.51 -1.40
N PRO A 86 4.67 23.96 -1.21
CA PRO A 86 3.47 23.15 -0.97
C PRO A 86 2.89 22.50 -2.21
N GLY A 87 1.96 21.57 -2.01
CA GLY A 87 1.35 20.88 -3.12
C GLY A 87 0.50 19.72 -2.62
N VAL A 88 -0.80 19.87 -2.80
CA VAL A 88 -1.80 18.90 -2.39
C VAL A 88 -2.59 18.53 -3.63
N PHE A 89 -2.61 17.23 -3.98
CA PHE A 89 -3.31 16.80 -5.17
C PHE A 89 -4.42 15.82 -4.82
N VAL A 90 -5.53 15.92 -5.53
CA VAL A 90 -6.50 14.83 -5.60
C VAL A 90 -6.05 13.93 -6.75
N VAL A 91 -5.82 12.65 -6.45
CA VAL A 91 -5.33 11.65 -7.41
C VAL A 91 -6.38 10.55 -7.54
N ARG A 92 -6.80 10.27 -8.76
CA ARG A 92 -7.95 9.42 -9.01
C ARG A 92 -7.51 8.07 -9.56
N SER A 93 -8.37 7.08 -9.35
CA SER A 93 -8.05 5.73 -9.81
C SER A 93 -7.93 5.64 -11.33
N ASP A 94 -8.39 6.66 -12.07
CA ASP A 94 -8.26 6.65 -13.53
C ASP A 94 -6.83 6.92 -13.98
N GLY A 95 -5.98 7.41 -13.09
CA GLY A 95 -4.69 7.97 -13.43
C GLY A 95 -4.67 9.50 -13.33
N SER A 96 -5.80 10.16 -13.57
CA SER A 96 -5.83 11.62 -13.60
C SER A 96 -5.64 12.22 -12.21
N ARG A 97 -5.13 13.46 -12.19
CA ARG A 97 -4.93 14.22 -10.96
C ARG A 97 -5.45 15.63 -11.13
N SER A 98 -5.89 16.21 -10.02
CA SER A 98 -6.36 17.59 -9.95
C SER A 98 -5.19 18.55 -10.02
N GLU A 99 -5.50 19.80 -10.35
CA GLU A 99 -4.61 20.91 -10.06
C GLU A 99 -4.32 20.92 -8.57
N PRO A 100 -3.12 21.33 -8.16
CA PRO A 100 -2.79 21.32 -6.73
C PRO A 100 -3.26 22.58 -6.02
N LEU A 101 -3.68 22.39 -4.79
CA LEU A 101 -3.68 23.46 -3.81
C LEU A 101 -2.24 23.81 -3.50
N LEU A 102 -1.93 25.10 -3.52
CA LEU A 102 -0.55 25.56 -3.45
C LEU A 102 -0.31 26.49 -2.27
N GLY A 103 -1.10 26.36 -1.20
CA GLY A 103 -0.84 27.14 -0.01
C GLY A 103 -1.90 26.89 1.04
N PHE A 104 -1.79 27.65 2.12
CA PHE A 104 -2.65 27.39 3.26
C PHE A 104 -4.07 27.90 3.02
N VAL A 105 -5.06 27.01 3.25
CA VAL A 105 -6.47 27.37 3.29
C VAL A 105 -7.12 26.76 4.53
N LYS A 106 -8.13 27.45 5.05
CA LYS A 106 -8.94 26.94 6.13
C LYS A 106 -9.80 25.78 5.64
N ALA A 107 -10.49 25.16 6.60
CA ALA A 107 -11.14 23.88 6.33
C ALA A 107 -12.20 24.00 5.25
N ASP A 108 -13.00 25.07 5.29
CA ASP A 108 -14.11 25.17 4.36
C ASP A 108 -13.62 25.23 2.91
N LYS A 109 -12.50 25.93 2.68
CA LYS A 109 -11.96 25.99 1.31
C LYS A 109 -11.25 24.73 0.94
N PHE A 110 -10.55 24.11 1.89
CA PHE A 110 -9.99 22.79 1.63
C PHE A 110 -11.09 21.83 1.17
N ILE A 111 -12.17 21.77 1.94
CA ILE A 111 -13.26 20.86 1.61
C ILE A 111 -13.85 21.21 0.26
N GLU A 112 -14.05 22.50 0.01
CA GLU A 112 -14.60 22.91 -1.28
C GLU A 112 -13.69 22.46 -2.40
N TRP A 113 -12.39 22.59 -2.19
CA TRP A 113 -11.44 22.17 -3.19
C TRP A 113 -11.50 20.66 -3.41
N TYR A 114 -11.57 19.89 -2.32
CA TYR A 114 -11.68 18.45 -2.47
C TYR A 114 -12.96 18.06 -3.20
N GLU A 115 -14.10 18.58 -2.76
CA GLU A 115 -15.38 18.16 -3.34
C GLU A 115 -15.45 18.50 -4.82
N GLN A 116 -14.93 19.67 -5.20
CA GLN A 116 -14.99 20.10 -6.59
C GLN A 116 -14.01 19.33 -7.47
N ASN A 117 -13.04 18.65 -6.87
CA ASN A 117 -12.03 17.90 -7.61
C ASN A 117 -12.25 16.39 -7.50
N ARG A 118 -13.43 15.97 -7.08
CA ARG A 118 -13.90 14.57 -6.93
C ARG A 118 -13.65 14.14 -5.50
N ASN B 2 -2.07 -7.40 -8.39
CA ASN B 2 -0.74 -7.22 -7.78
C ASN B 2 0.36 -7.90 -8.59
N ALA B 3 1.59 -7.42 -8.42
CA ALA B 3 2.79 -8.06 -8.95
C ALA B 3 3.73 -8.38 -7.80
N MET B 4 4.80 -9.09 -8.10
CA MET B 4 5.70 -9.53 -7.05
C MET B 4 6.54 -8.37 -6.52
N PHE B 5 6.65 -8.27 -5.20
CA PHE B 5 7.52 -7.30 -4.56
C PHE B 5 8.91 -7.88 -4.36
N ALA B 6 9.91 -7.01 -4.44
CA ALA B 6 11.24 -7.34 -3.92
C ALA B 6 11.66 -6.46 -2.75
N ASP B 7 11.00 -5.32 -2.56
CA ASP B 7 11.31 -4.35 -1.51
C ASP B 7 10.36 -4.57 -0.34
N THR B 8 10.92 -4.92 0.83
CA THR B 8 10.05 -5.26 1.96
C THR B 8 9.33 -4.04 2.51
N ALA B 9 9.91 -2.85 2.36
CA ALA B 9 9.22 -1.64 2.78
C ALA B 9 7.99 -1.39 1.93
N ALA B 10 8.12 -1.51 0.61
CA ALA B 10 6.96 -1.37 -0.25
C ALA B 10 5.91 -2.43 0.06
N LEU B 11 6.35 -3.64 0.39
CA LEU B 11 5.42 -4.73 0.66
C LEU B 11 4.58 -4.44 1.88
N LYS B 12 5.24 -4.03 2.98
CA LYS B 12 4.50 -3.76 4.20
C LYS B 12 3.56 -2.57 4.02
N ALA B 13 4.00 -1.56 3.28
CA ALA B 13 3.13 -0.41 2.99
C ALA B 13 1.85 -0.87 2.31
N ALA B 14 1.96 -1.74 1.30
CA ALA B 14 0.78 -2.21 0.60
C ALA B 14 -0.10 -3.06 1.51
N MET B 15 0.51 -3.96 2.28
CA MET B 15 -0.25 -4.82 3.17
C MET B 15 -1.00 -4.02 4.23
N ASP B 16 -0.32 -3.06 4.87
CA ASP B 16 -0.98 -2.22 5.87
C ASP B 16 -2.17 -1.49 5.27
N THR B 17 -1.99 -0.95 4.06
CA THR B 17 -3.06 -0.22 3.41
C THR B 17 -4.24 -1.14 3.12
N ALA B 18 -3.96 -2.34 2.64
CA ALA B 18 -5.03 -3.27 2.32
C ALA B 18 -5.83 -3.63 3.56
N LEU B 19 -5.14 -3.78 4.70
CA LEU B 19 -5.80 -4.13 5.95
C LEU B 19 -6.59 -2.95 6.53
N LYS B 20 -6.18 -1.71 6.25
CA LYS B 20 -6.93 -0.55 6.70
C LYS B 20 -8.18 -0.33 5.86
N GLU B 21 -8.07 -0.53 4.55
CA GLU B 21 -9.23 -0.28 3.69
C GLU B 21 -10.36 -1.26 3.94
N HIS B 22 -10.02 -2.48 4.36
CA HIS B 22 -11.01 -3.54 4.56
C HIS B 22 -10.51 -4.46 5.66
N PRO B 23 -10.59 -4.01 6.92
CA PRO B 23 -10.15 -4.88 8.01
C PRO B 23 -11.04 -6.08 8.21
N ASP B 24 -12.26 -6.04 7.69
CA ASP B 24 -13.10 -7.23 7.72
C ASP B 24 -12.60 -8.33 6.78
N LYS B 25 -11.50 -8.10 6.05
CA LYS B 25 -10.95 -9.11 5.16
C LYS B 25 -9.46 -9.31 5.47
N PRO B 26 -8.99 -10.54 5.46
CA PRO B 26 -7.55 -10.79 5.60
C PRO B 26 -6.82 -10.43 4.32
N VAL B 27 -5.50 -10.52 4.40
CA VAL B 27 -4.65 -10.56 3.22
C VAL B 27 -3.83 -11.84 3.31
N VAL B 28 -3.21 -12.18 2.19
CA VAL B 28 -2.35 -13.36 2.11
C VAL B 28 -0.95 -12.92 1.73
N LEU B 29 0.05 -13.46 2.43
CA LEU B 29 1.45 -13.24 2.11
C LEU B 29 2.13 -14.54 1.72
N ASP B 30 2.90 -14.48 0.64
CA ASP B 30 3.49 -15.63 -0.01
C ASP B 30 4.96 -15.37 -0.26
N PHE B 31 5.82 -16.27 0.23
CA PHE B 31 7.26 -16.14 0.07
C PHE B 31 7.73 -16.94 -1.15
N TYR B 32 8.27 -16.24 -2.13
CA TYR B 32 8.73 -16.83 -3.37
C TYR B 32 10.24 -16.76 -3.45
N ALA B 33 10.84 -17.74 -4.15
CA ALA B 33 12.22 -17.64 -4.60
C ALA B 33 12.37 -18.43 -5.89
N ASP B 34 13.40 -18.10 -6.66
CA ASP B 34 13.60 -18.73 -7.96
C ASP B 34 14.04 -20.18 -7.85
N TRP B 35 14.61 -20.58 -6.72
CA TRP B 35 14.94 -21.97 -6.48
C TRP B 35 13.81 -22.76 -5.86
N CYS B 36 12.66 -22.14 -5.59
CA CYS B 36 11.59 -22.79 -4.85
C CYS B 36 10.70 -23.55 -5.83
N ILE B 37 10.83 -24.88 -5.85
CA ILE B 37 10.05 -25.69 -6.79
C ILE B 37 8.56 -25.60 -6.47
N SER B 38 8.20 -25.80 -5.21
CA SER B 38 6.78 -25.75 -4.87
C SER B 38 6.20 -24.39 -5.18
N CYS B 39 7.00 -23.33 -5.09
CA CYS B 39 6.53 -22.01 -5.51
C CYS B 39 6.12 -22.02 -6.97
N LYS B 40 6.97 -22.60 -7.84
CA LYS B 40 6.64 -22.59 -9.24
C LYS B 40 5.47 -23.53 -9.56
N GLU B 41 5.33 -24.61 -8.79
CA GLU B 41 4.15 -25.46 -8.97
C GLU B 41 2.89 -24.73 -8.55
N MET B 42 2.94 -24.01 -7.42
CA MET B 42 1.79 -23.22 -7.00
C MET B 42 1.42 -22.19 -8.07
N ALA B 43 2.42 -21.52 -8.62
CA ALA B 43 2.14 -20.51 -9.61
C ALA B 43 1.53 -21.11 -10.87
N ALA B 44 1.91 -22.34 -11.22
CA ALA B 44 1.47 -22.91 -12.49
C ALA B 44 0.16 -23.68 -12.41
N TYR B 45 -0.13 -24.31 -11.28
CA TYR B 45 -1.25 -25.24 -11.19
C TYR B 45 -2.31 -24.83 -10.20
N THR B 46 -2.09 -23.79 -9.41
CA THR B 46 -3.01 -23.51 -8.31
C THR B 46 -3.41 -22.04 -8.22
N LEU B 47 -2.43 -21.15 -8.11
CA LEU B 47 -2.69 -19.73 -7.93
C LEU B 47 -3.29 -19.08 -9.16
N ASN B 48 -3.16 -19.71 -10.32
CA ASN B 48 -3.73 -19.19 -11.55
C ASN B 48 -5.09 -19.83 -11.85
N GLN B 49 -5.70 -20.52 -10.87
CA GLN B 49 -6.92 -21.26 -11.18
C GLN B 49 -8.17 -20.42 -10.83
N PRO B 50 -9.20 -20.46 -11.69
CA PRO B 50 -10.40 -19.63 -11.42
C PRO B 50 -11.05 -19.90 -10.07
N GLU B 51 -11.06 -21.15 -9.59
CA GLU B 51 -11.74 -21.40 -8.32
C GLU B 51 -10.99 -20.76 -7.16
N VAL B 52 -9.69 -20.55 -7.32
CA VAL B 52 -8.94 -19.86 -6.30
C VAL B 52 -9.24 -18.36 -6.33
N HIS B 53 -9.30 -17.77 -7.53
CA HIS B 53 -9.60 -16.35 -7.63
C HIS B 53 -11.03 -16.07 -7.21
N GLN B 54 -11.89 -17.08 -7.25
CA GLN B 54 -13.26 -16.93 -6.78
C GLN B 54 -13.34 -16.95 -5.27
N ALA B 55 -12.51 -17.78 -4.62
CA ALA B 55 -12.56 -17.90 -3.18
C ALA B 55 -11.66 -16.90 -2.48
N VAL B 56 -10.54 -16.54 -3.08
CA VAL B 56 -9.54 -15.67 -2.48
C VAL B 56 -9.48 -14.37 -3.26
N ASP B 57 -9.51 -13.25 -2.56
CA ASP B 57 -9.33 -11.95 -3.20
C ASP B 57 -7.87 -11.78 -3.59
N MET B 58 -7.56 -12.08 -4.85
CA MET B 58 -6.17 -12.04 -5.29
C MET B 58 -5.59 -10.62 -5.33
N GLU B 59 -6.45 -9.59 -5.36
CA GLU B 59 -5.97 -8.24 -5.10
C GLU B 59 -5.39 -8.11 -3.71
N ARG B 60 -5.70 -9.06 -2.83
CA ARG B 60 -5.19 -9.05 -1.47
C ARG B 60 -4.14 -10.13 -1.26
N PHE B 61 -3.58 -10.63 -2.37
CA PHE B 61 -2.53 -11.63 -2.38
C PHE B 61 -1.21 -10.94 -2.67
N PHE B 62 -0.30 -10.95 -1.69
CA PHE B 62 0.98 -10.28 -1.82
C PHE B 62 2.10 -11.30 -1.86
N GLN B 63 3.03 -11.11 -2.80
CA GLN B 63 4.16 -12.00 -2.99
C GLN B 63 5.45 -11.23 -2.78
N ILE B 64 6.35 -11.80 -1.99
CA ILE B 64 7.66 -11.19 -1.79
C ILE B 64 8.71 -12.13 -2.36
N ASP B 65 9.61 -11.58 -3.18
CA ASP B 65 10.69 -12.33 -3.82
C ASP B 65 11.96 -12.17 -2.98
N VAL B 66 12.36 -13.23 -2.30
CA VAL B 66 13.54 -13.18 -1.44
C VAL B 66 14.74 -13.85 -2.11
N THR B 67 14.69 -14.04 -3.44
CA THR B 67 15.79 -14.67 -4.17
C THR B 67 17.12 -13.99 -3.86
N ALA B 68 17.13 -12.67 -3.75
CA ALA B 68 18.39 -11.98 -3.48
C ALA B 68 18.92 -12.28 -2.09
N ASN B 69 18.02 -12.62 -1.15
CA ASN B 69 18.42 -12.90 0.23
C ASN B 69 19.19 -11.74 0.85
N THR B 70 18.72 -10.52 0.58
CA THR B 70 19.28 -9.36 1.24
C THR B 70 18.92 -9.40 2.73
N PRO B 71 19.63 -8.62 3.56
CA PRO B 71 19.26 -8.58 4.98
C PRO B 71 17.77 -8.39 5.23
N GLU B 72 17.16 -7.42 4.55
CA GLU B 72 15.74 -7.18 4.75
C GLU B 72 14.91 -8.42 4.43
N HIS B 73 15.35 -9.25 3.48
CA HIS B 73 14.65 -10.51 3.24
C HIS B 73 14.87 -11.48 4.38
N GLN B 74 16.11 -11.59 4.86
CA GLN B 74 16.39 -12.44 6.02
C GLN B 74 15.55 -11.99 7.20
N ALA B 75 15.48 -10.68 7.43
CA ALA B 75 14.66 -10.16 8.52
C ALA B 75 13.23 -10.66 8.40
N LEU B 76 12.63 -10.42 7.23
CA LEU B 76 11.21 -10.71 7.04
C LEU B 76 10.93 -12.20 7.23
N LEU B 77 11.77 -13.05 6.64
CA LEU B 77 11.62 -14.49 6.81
C LEU B 77 11.63 -14.86 8.28
N LYS B 78 12.55 -14.26 9.05
CA LYS B 78 12.62 -14.57 10.47
C LYS B 78 11.35 -14.11 11.19
N GLU B 79 10.90 -12.89 10.90
CA GLU B 79 9.67 -12.42 11.53
C GLU B 79 8.49 -13.32 11.23
N TYR B 80 8.56 -14.12 10.17
CA TYR B 80 7.51 -15.08 9.86
C TYR B 80 7.91 -16.51 10.18
N GLY B 81 9.00 -16.69 10.92
CA GLY B 81 9.42 -18.01 11.37
C GLY B 81 9.92 -18.94 10.30
N LEU B 82 10.43 -18.41 9.18
CA LEU B 82 10.90 -19.20 8.05
C LEU B 82 12.41 -19.07 7.89
N PHE B 83 13.03 -20.12 7.35
CA PHE B 83 14.40 -20.00 6.88
C PHE B 83 14.47 -19.66 5.40
N GLY B 84 13.49 -20.10 4.62
CA GLY B 84 13.35 -19.73 3.23
C GLY B 84 11.95 -20.07 2.75
N PRO B 85 11.64 -19.82 1.49
CA PRO B 85 10.40 -20.34 0.91
C PRO B 85 10.41 -21.85 0.91
N PRO B 86 9.25 -22.51 0.76
CA PRO B 86 7.92 -21.95 0.56
C PRO B 86 7.31 -21.41 1.83
N GLY B 87 6.21 -20.68 1.70
CA GLY B 87 5.55 -20.15 2.86
C GLY B 87 4.45 -19.19 2.50
N VAL B 88 3.21 -19.57 2.81
CA VAL B 88 2.03 -18.78 2.49
C VAL B 88 1.27 -18.55 3.79
N PHE B 89 0.99 -17.29 4.12
CA PHE B 89 0.33 -16.97 5.37
C PHE B 89 -0.94 -16.15 5.12
N VAL B 90 -2.00 -16.53 5.80
CA VAL B 90 -3.12 -15.61 6.02
C VAL B 90 -2.72 -14.64 7.12
N VAL B 91 -2.90 -13.35 6.86
CA VAL B 91 -2.56 -12.29 7.81
C VAL B 91 -3.80 -11.44 8.05
N ARG B 92 -4.22 -11.32 9.30
CA ARG B 92 -5.46 -10.65 9.64
C ARG B 92 -5.20 -9.23 10.13
N SER B 93 -6.23 -8.40 10.05
CA SER B 93 -6.09 -6.99 10.37
C SER B 93 -5.82 -6.77 11.85
N ASP B 94 -6.09 -7.75 12.70
CA ASP B 94 -5.84 -7.64 14.14
C ASP B 94 -4.39 -7.94 14.49
N GLY B 95 -3.55 -8.26 13.50
CA GLY B 95 -2.16 -8.60 13.71
C GLY B 95 -1.86 -10.08 13.61
N SER B 96 -2.81 -10.94 13.96
CA SER B 96 -2.55 -12.36 13.98
C SER B 96 -2.30 -12.89 12.57
N ARG B 97 -1.67 -14.06 12.52
CA ARG B 97 -1.35 -14.75 11.28
C ARG B 97 -1.57 -16.24 11.46
N SER B 98 -1.94 -16.90 10.37
CA SER B 98 -2.15 -18.33 10.35
C SER B 98 -0.81 -19.07 10.33
N GLU B 99 -0.87 -20.36 10.65
CA GLU B 99 0.21 -21.26 10.30
C GLU B 99 0.39 -21.24 8.79
N PRO B 100 1.62 -21.39 8.32
CA PRO B 100 1.86 -21.34 6.87
C PRO B 100 1.51 -22.64 6.17
N LEU B 101 1.04 -22.48 4.94
CA LEU B 101 1.14 -23.53 3.96
C LEU B 101 2.60 -23.68 3.56
N LEU B 102 3.09 -24.92 3.53
CA LEU B 102 4.52 -25.17 3.35
C LEU B 102 4.80 -26.08 2.15
N GLY B 103 3.94 -26.08 1.14
CA GLY B 103 4.31 -26.72 -0.12
C GLY B 103 3.18 -26.67 -1.13
N PHE B 104 3.37 -27.39 -2.22
CA PHE B 104 2.38 -27.31 -3.29
C PHE B 104 1.14 -28.10 -2.91
N VAL B 105 -0.03 -27.45 -3.07
CA VAL B 105 -1.33 -28.11 -2.97
C VAL B 105 -2.20 -27.65 -4.14
N LYS B 106 -3.10 -28.54 -4.56
CA LYS B 106 -4.08 -28.19 -5.57
C LYS B 106 -5.12 -27.23 -5.00
N ALA B 107 -5.98 -26.76 -5.89
CA ALA B 107 -6.79 -25.58 -5.60
C ALA B 107 -7.78 -25.84 -4.48
N ASP B 108 -8.32 -27.05 -4.40
CA ASP B 108 -9.31 -27.34 -3.36
C ASP B 108 -8.69 -27.27 -1.98
N LYS B 109 -7.47 -27.80 -1.82
CA LYS B 109 -6.86 -27.78 -0.49
C LYS B 109 -6.35 -26.39 -0.14
N PHE B 110 -5.90 -25.64 -1.15
CA PHE B 110 -5.58 -24.24 -0.93
C PHE B 110 -6.79 -23.49 -0.39
N ILE B 111 -7.90 -23.57 -1.11
CA ILE B 111 -9.11 -22.86 -0.73
C ILE B 111 -9.54 -23.31 0.66
N GLU B 112 -9.52 -24.61 0.91
CA GLU B 112 -9.87 -25.11 2.24
C GLU B 112 -8.92 -24.53 3.29
N TRP B 113 -7.63 -24.51 3.00
CA TRP B 113 -6.68 -23.90 3.92
C TRP B 113 -7.01 -22.43 4.13
N TYR B 114 -7.35 -21.72 3.06
CA TYR B 114 -7.68 -20.31 3.23
C TYR B 114 -8.94 -20.13 4.05
N GLU B 115 -10.01 -20.86 3.71
CA GLU B 115 -11.28 -20.66 4.38
C GLU B 115 -11.22 -21.05 5.85
N GLN B 116 -10.34 -21.98 6.20
CA GLN B 116 -10.20 -22.38 7.60
C GLN B 116 -9.42 -21.36 8.41
N ASN B 117 -8.60 -20.53 7.77
CA ASN B 117 -7.69 -19.63 8.47
C ASN B 117 -8.08 -18.17 8.37
N ARG B 118 -9.11 -17.81 7.61
CA ARG B 118 -9.46 -16.40 7.49
C ARG B 118 -10.19 -15.89 8.73
O4 P6G C . 17.16 21.63 -0.11
C5 P6G C . 18.10 20.90 0.72
C6 P6G C . 19.16 21.86 1.34
O7 P6G C . 20.14 22.25 0.35
C8 P6G C . 21.47 21.86 0.64
C9 P6G C . 22.39 22.85 0.00
O10 P6G C . 21.88 23.20 -1.26
O1 P6G D . 15.25 18.94 -11.90
C2 P6G D . 15.10 17.81 -11.04
C3 P6G D . 14.50 16.69 -11.89
O4 P6G D . 14.61 15.46 -11.17
C5 P6G D . 15.45 14.47 -11.81
C6 P6G D . 16.79 14.42 -11.00
O7 P6G D . 17.57 13.34 -11.53
C8 P6G D . 18.74 13.75 -12.20
C9 P6G D . 19.89 13.58 -11.27
O10 P6G D . 20.86 14.54 -11.62
O4 P6G E . -15.99 9.54 7.47
C5 P6G E . -15.13 9.76 6.31
C6 P6G E . -16.01 9.51 5.05
O7 P6G E . -15.29 10.01 3.92
C8 P6G E . -15.92 9.71 2.69
C9 P6G E . -15.20 10.48 1.64
O10 P6G E . -15.50 9.88 0.41
O1 P6G F . 20.22 -19.18 0.57
C2 P6G F . 20.50 -18.91 -0.82
C3 P6G F . 20.88 -17.43 -0.99
O4 P6G F . 21.65 -17.26 -2.20
C5 P6G F . 22.88 -18.04 -2.23
C6 P6G F . 24.12 -17.08 -2.33
O7 P6G F . 25.25 -17.74 -1.77
O1 P6G G . -4.62 -25.14 -15.94
C2 P6G G . -5.36 -26.37 -16.02
C3 P6G G . -5.69 -26.84 -14.58
O4 P6G G . -4.54 -27.52 -14.04
C5 P6G G . -4.58 -27.71 -12.60
C6 P6G G . -3.60 -28.85 -12.17
O7 P6G G . -2.79 -29.26 -13.28
O1 P6G H . 1.76 -5.89 8.05
C2 P6G H . 0.74 -5.71 9.05
C3 P6G H . 0.14 -7.08 9.44
O4 P6G H . 1.25 -7.89 9.83
C5 P6G H . 0.95 -8.85 10.88
C6 P6G H . 2.17 -8.94 11.85
O7 P6G H . 2.89 -10.15 11.60
#